data_7F0H
#
_entry.id   7F0H
#
_cell.length_a   97.753
_cell.length_b   102.364
_cell.length_c   137.722
_cell.angle_alpha   90.000
_cell.angle_beta   90.000
_cell.angle_gamma   90.000
#
_symmetry.space_group_name_H-M   'I 21 21 21'
#
loop_
_entity.id
_entity.type
_entity.pdbx_description
1 polymer 'Outer capsid protein VP8*'
2 water water
#
_entity_poly.entity_id   1
_entity_poly.type   'polypeptide(L)'
_entity_poly.pdbx_seq_one_letter_code
;VLDGPYQPASFDLPVGNWMLLAPTGPGVVVEGTDNSGRWLSVILIEPGVTSETRTYTMFGSSKQVLVSNASDTKWKFVEM
MKTAIDGDYAEWGTLLSDTKLYGMMKYRKRLFIYEGETPNATTKRYIVTNYASVEVRPYSDFYIISRSQESACTEYINNG
L
;
_entity_poly.pdbx_strand_id   A,B
#
# COMPACT_ATOMS: atom_id res chain seq x y z
N VAL A 1 -14.56 -4.53 -19.98
CA VAL A 1 -13.93 -5.35 -18.94
C VAL A 1 -12.60 -4.76 -18.50
N LEU A 2 -12.46 -4.48 -17.21
CA LEU A 2 -11.25 -3.85 -16.70
C LEU A 2 -10.09 -4.83 -16.67
N ASP A 3 -8.93 -4.36 -17.11
CA ASP A 3 -7.70 -5.15 -17.10
C ASP A 3 -7.07 -5.01 -15.72
N GLY A 4 -7.26 -6.04 -14.88
CA GLY A 4 -6.80 -6.01 -13.51
C GLY A 4 -7.78 -6.75 -12.61
N PRO A 5 -7.61 -6.67 -11.29
CA PRO A 5 -6.59 -5.84 -10.62
C PRO A 5 -5.21 -6.47 -10.61
N TYR A 6 -4.23 -5.62 -10.90
CA TYR A 6 -2.83 -5.91 -10.66
C TYR A 6 -2.47 -5.43 -9.26
N GLN A 7 -1.34 -5.90 -8.76
CA GLN A 7 -0.98 -5.67 -7.37
C GLN A 7 0.41 -5.08 -7.27
N PRO A 8 0.76 -4.50 -6.10
CA PRO A 8 2.16 -4.10 -5.88
C PRO A 8 3.11 -5.26 -6.10
N ALA A 9 4.37 -4.95 -6.38
CA ALA A 9 5.33 -5.96 -6.78
C ALA A 9 5.69 -6.90 -5.63
N SER A 10 5.80 -8.19 -5.95
CA SER A 10 6.33 -9.12 -4.95
C SER A 10 7.80 -8.82 -4.67
N PHE A 11 8.25 -9.24 -3.49
CA PHE A 11 9.59 -8.94 -3.00
C PHE A 11 10.29 -10.23 -2.62
N ASP A 12 11.53 -10.41 -3.10
CA ASP A 12 12.29 -11.64 -2.80
C ASP A 12 12.88 -11.52 -1.40
N LEU A 13 12.12 -11.99 -0.41
CA LEU A 13 12.52 -11.91 0.98
C LEU A 13 13.52 -13.02 1.29
N PRO A 14 14.78 -12.71 1.59
CA PRO A 14 15.75 -13.77 1.88
C PRO A 14 15.33 -14.55 3.11
N VAL A 15 15.58 -15.87 3.09
CA VAL A 15 15.21 -16.69 4.23
C VAL A 15 15.92 -16.21 5.50
N GLY A 16 15.26 -16.42 6.64
CA GLY A 16 15.86 -16.07 7.92
C GLY A 16 15.89 -14.59 8.20
N ASN A 17 14.95 -13.83 7.63
CA ASN A 17 14.88 -12.40 7.83
C ASN A 17 13.44 -11.97 8.07
N TRP A 18 13.25 -11.10 9.06
CA TRP A 18 11.96 -10.51 9.31
C TRP A 18 11.74 -9.34 8.36
N MET A 19 10.67 -9.40 7.58
CA MET A 19 10.16 -8.20 6.91
C MET A 19 9.27 -7.48 7.90
N LEU A 20 9.62 -6.25 8.26
CA LEU A 20 8.90 -5.49 9.27
C LEU A 20 8.19 -4.35 8.55
N LEU A 21 6.91 -4.56 8.25
CA LEU A 21 6.16 -3.59 7.46
C LEU A 21 5.62 -2.48 8.34
N ALA A 22 5.54 -1.27 7.76
CA ALA A 22 5.09 -0.08 8.47
C ALA A 22 3.89 0.56 7.77
N PRO A 23 2.75 -0.10 7.78
CA PRO A 23 1.56 0.49 7.12
C PRO A 23 1.06 1.69 7.91
N THR A 24 0.48 2.65 7.18
CA THR A 24 -0.05 3.85 7.81
C THR A 24 -1.56 3.88 7.86
N GLY A 25 -2.24 3.05 7.09
CA GLY A 25 -3.69 3.10 7.02
C GLY A 25 -4.31 1.74 6.81
N PRO A 26 -5.62 1.64 7.00
CA PRO A 26 -6.31 0.36 6.83
C PRO A 26 -6.24 -0.16 5.41
N GLY A 27 -6.24 -1.48 5.29
CA GLY A 27 -6.23 -2.17 4.03
C GLY A 27 -5.28 -3.35 4.08
N VAL A 28 -5.05 -3.96 2.91
CA VAL A 28 -4.12 -5.08 2.85
C VAL A 28 -2.71 -4.62 3.23
N VAL A 29 -2.05 -5.41 4.06
CA VAL A 29 -0.71 -5.10 4.55
C VAL A 29 0.37 -5.88 3.81
N VAL A 30 0.17 -7.20 3.69
CA VAL A 30 1.14 -8.08 3.05
C VAL A 30 0.40 -9.35 2.69
N GLU A 31 0.82 -9.99 1.62
CA GLU A 31 0.27 -11.28 1.25
C GLU A 31 1.41 -12.28 1.12
N GLY A 32 1.19 -13.49 1.60
CA GLY A 32 2.19 -14.54 1.51
C GLY A 32 1.55 -15.83 1.04
N THR A 33 2.22 -16.57 0.16
CA THR A 33 1.65 -17.84 -0.29
C THR A 33 2.76 -18.80 -0.69
N ASP A 34 2.52 -20.08 -0.42
CA ASP A 34 3.41 -21.13 -0.90
C ASP A 34 2.95 -21.70 -2.24
N ASN A 35 1.89 -21.14 -2.82
CA ASN A 35 1.32 -21.57 -4.10
C ASN A 35 0.90 -23.03 -4.09
N SER A 36 0.64 -23.58 -2.90
CA SER A 36 0.33 -25.01 -2.79
C SER A 36 -0.89 -25.23 -1.91
N GLY A 37 -0.85 -24.71 -0.68
CA GLY A 37 -1.93 -24.94 0.26
C GLY A 37 -2.21 -23.79 1.20
N ARG A 38 -1.42 -22.71 1.13
CA ARG A 38 -1.63 -21.59 2.04
C ARG A 38 -1.53 -20.28 1.25
N TRP A 39 -2.60 -19.49 1.30
CA TRP A 39 -2.65 -18.15 0.73
C TRP A 39 -3.11 -17.20 1.83
N LEU A 40 -2.20 -16.40 2.35
CA LEU A 40 -2.45 -15.52 3.50
C LEU A 40 -2.48 -14.08 3.04
N SER A 41 -3.60 -13.40 3.28
CA SER A 41 -3.71 -11.96 3.05
C SER A 41 -3.96 -11.28 4.40
N VAL A 42 -3.04 -10.43 4.82
CA VAL A 42 -3.14 -9.76 6.11
C VAL A 42 -3.78 -8.39 5.89
N ILE A 43 -4.91 -8.14 6.58
CA ILE A 43 -5.61 -6.86 6.46
C ILE A 43 -5.51 -6.10 7.77
N LEU A 44 -5.53 -4.77 7.67
CA LEU A 44 -5.38 -3.88 8.81
C LEU A 44 -6.66 -3.08 9.00
N ILE A 45 -7.18 -3.05 10.23
CA ILE A 45 -8.41 -2.35 10.55
C ILE A 45 -8.11 -1.29 11.61
N GLU A 46 -8.56 -0.06 11.34
CA GLU A 46 -8.28 1.03 12.25
C GLU A 46 -9.16 0.90 13.51
N PRO A 47 -8.80 1.62 14.57
CA PRO A 47 -9.60 1.52 15.81
C PRO A 47 -11.01 2.03 15.62
N GLY A 48 -11.92 1.50 16.42
CA GLY A 48 -13.27 2.04 16.51
C GLY A 48 -14.15 1.78 15.32
N VAL A 49 -14.08 0.58 14.76
CA VAL A 49 -14.86 0.19 13.59
C VAL A 49 -15.92 -0.80 14.07
N THR A 50 -17.18 -0.39 14.07
CA THR A 50 -18.25 -1.33 14.33
C THR A 50 -18.48 -2.20 13.10
N SER A 51 -18.95 -3.42 13.35
CA SER A 51 -19.13 -4.45 12.33
C SER A 51 -19.63 -3.87 11.01
N GLU A 52 -18.88 -4.12 9.93
CA GLU A 52 -19.26 -3.65 8.60
C GLU A 52 -18.49 -4.46 7.57
N THR A 53 -19.01 -4.46 6.35
CA THR A 53 -18.40 -5.21 5.26
C THR A 53 -17.53 -4.28 4.42
N ARG A 54 -16.28 -4.69 4.22
CA ARG A 54 -15.33 -3.94 3.41
C ARG A 54 -14.89 -4.80 2.24
N THR A 55 -14.54 -4.15 1.15
CA THR A 55 -14.02 -4.86 -0.01
C THR A 55 -12.50 -4.73 -0.06
N TYR A 56 -11.83 -5.86 -0.24
CA TYR A 56 -10.40 -5.93 -0.43
C TYR A 56 -10.13 -6.69 -1.71
N THR A 57 -9.01 -6.38 -2.36
CA THR A 57 -8.52 -7.24 -3.43
C THR A 57 -7.46 -8.14 -2.80
N MET A 58 -7.74 -9.43 -2.76
CA MET A 58 -6.88 -10.43 -2.13
C MET A 58 -6.37 -11.35 -3.21
N PHE A 59 -5.05 -11.45 -3.33
CA PHE A 59 -4.43 -12.20 -4.40
C PHE A 59 -5.07 -11.88 -5.76
N GLY A 60 -5.38 -10.60 -5.96
CA GLY A 60 -5.82 -10.15 -7.26
C GLY A 60 -7.28 -10.40 -7.58
N SER A 61 -8.10 -10.70 -6.58
CA SER A 61 -9.54 -10.83 -6.74
C SER A 61 -10.24 -10.03 -5.66
N SER A 62 -11.30 -9.33 -6.06
CA SER A 62 -12.13 -8.58 -5.12
C SER A 62 -12.89 -9.52 -4.20
N LYS A 63 -12.83 -9.24 -2.90
CA LYS A 63 -13.47 -10.06 -1.88
C LYS A 63 -14.09 -9.16 -0.83
N GLN A 64 -15.27 -9.56 -0.35
CA GLN A 64 -15.94 -8.86 0.74
C GLN A 64 -15.67 -9.59 2.04
N VAL A 65 -15.33 -8.83 3.08
CA VAL A 65 -14.99 -9.37 4.39
C VAL A 65 -15.72 -8.57 5.46
N LEU A 66 -16.40 -9.25 6.37
CA LEU A 66 -17.01 -8.61 7.51
C LEU A 66 -15.94 -8.34 8.57
N VAL A 67 -15.77 -7.07 8.93
CA VAL A 67 -14.67 -6.65 9.80
C VAL A 67 -15.20 -5.79 10.93
N SER A 68 -14.43 -5.75 12.02
CA SER A 68 -14.72 -4.88 13.14
C SER A 68 -13.45 -4.71 13.97
N ASN A 69 -13.40 -3.63 14.73
CA ASN A 69 -12.33 -3.42 15.71
C ASN A 69 -12.92 -2.58 16.84
N ALA A 70 -13.27 -3.25 17.94
CA ALA A 70 -13.90 -2.57 19.06
C ALA A 70 -12.94 -1.68 19.83
N SER A 71 -11.62 -1.95 19.76
CA SER A 71 -10.67 -1.15 20.51
C SER A 71 -10.67 0.29 20.02
N ASP A 72 -10.57 1.24 20.94
CA ASP A 72 -10.50 2.64 20.59
C ASP A 72 -9.08 3.12 20.38
N THR A 73 -8.08 2.29 20.67
CA THR A 73 -6.69 2.74 20.62
C THR A 73 -5.82 1.81 19.79
N LYS A 74 -6.12 0.51 19.80
CA LYS A 74 -5.30 -0.46 19.11
C LYS A 74 -5.81 -0.71 17.69
N TRP A 75 -4.89 -0.77 16.74
CA TRP A 75 -5.18 -1.23 15.39
C TRP A 75 -5.19 -2.75 15.38
N LYS A 76 -5.92 -3.32 14.43
CA LYS A 76 -6.11 -4.78 14.40
C LYS A 76 -5.71 -5.33 13.05
N PHE A 77 -4.67 -6.17 13.04
CA PHE A 77 -4.30 -6.97 11.87
C PHE A 77 -5.08 -8.27 11.90
N VAL A 78 -5.62 -8.67 10.75
CA VAL A 78 -6.37 -9.91 10.62
C VAL A 78 -5.74 -10.78 9.54
N GLU A 79 -5.44 -12.05 9.88
CA GLU A 79 -4.94 -13.02 8.92
C GLU A 79 -6.11 -13.67 8.20
N MET A 80 -6.26 -13.38 6.91
CA MET A 80 -7.28 -14.02 6.09
C MET A 80 -6.60 -15.11 5.27
N MET A 81 -6.96 -16.37 5.52
CA MET A 81 -6.27 -17.50 4.92
C MET A 81 -7.24 -18.35 4.12
N LYS A 82 -6.83 -18.71 2.91
CA LYS A 82 -7.49 -19.77 2.15
C LYS A 82 -6.49 -20.90 1.92
N THR A 83 -7.02 -22.12 1.73
CA THR A 83 -6.18 -23.31 1.63
C THR A 83 -6.30 -23.98 0.28
N ALA A 84 -7.02 -23.37 -0.66
CA ALA A 84 -7.05 -23.79 -2.05
C ALA A 84 -7.07 -22.54 -2.91
N ILE A 85 -6.52 -22.66 -4.12
CA ILE A 85 -6.44 -21.48 -4.98
C ILE A 85 -7.84 -20.93 -5.25
N ASP A 86 -8.85 -21.81 -5.22
CA ASP A 86 -10.25 -21.52 -5.42
C ASP A 86 -11.00 -21.19 -4.13
N GLY A 87 -10.35 -21.40 -2.98
CA GLY A 87 -11.08 -21.50 -1.73
C GLY A 87 -11.55 -20.18 -1.17
N ASP A 88 -12.39 -20.30 -0.13
CA ASP A 88 -12.82 -19.16 0.65
C ASP A 88 -11.77 -18.81 1.71
N TYR A 89 -11.78 -17.55 2.13
CA TYR A 89 -10.90 -17.08 3.19
C TYR A 89 -11.61 -17.16 4.54
N ALA A 90 -10.83 -17.45 5.59
CA ALA A 90 -11.30 -17.37 6.95
C ALA A 90 -10.23 -16.71 7.81
N GLU A 91 -10.68 -16.10 8.90
CA GLU A 91 -9.76 -15.48 9.84
C GLU A 91 -9.03 -16.57 10.63
N TRP A 92 -7.68 -16.57 10.56
CA TRP A 92 -6.88 -17.57 11.24
C TRP A 92 -6.15 -17.05 12.47
N GLY A 93 -6.08 -15.72 12.64
CA GLY A 93 -5.33 -15.14 13.73
C GLY A 93 -5.34 -13.63 13.58
N THR A 94 -4.90 -12.95 14.64
CA THR A 94 -4.96 -11.50 14.71
C THR A 94 -3.77 -10.97 15.49
N LEU A 95 -3.48 -9.69 15.28
CA LEU A 95 -2.51 -8.93 16.06
C LEU A 95 -3.11 -7.58 16.40
N LEU A 96 -3.30 -7.30 17.69
CA LEU A 96 -3.75 -6.00 18.17
C LEU A 96 -2.54 -5.17 18.50
N SER A 97 -2.45 -3.96 17.93
CA SER A 97 -1.17 -3.27 17.94
C SER A 97 -1.32 -1.76 18.14
N ASP A 98 -0.53 -1.22 19.06
CA ASP A 98 -0.36 0.22 19.21
C ASP A 98 0.72 0.78 18.28
N THR A 99 1.51 -0.09 17.64
CA THR A 99 2.67 0.36 16.88
C THR A 99 2.43 0.34 15.38
N LYS A 100 1.43 -0.41 14.93
CA LYS A 100 1.09 -0.59 13.52
C LYS A 100 2.24 -1.25 12.72
N LEU A 101 3.08 -2.02 13.39
CA LEU A 101 4.16 -2.75 12.72
C LEU A 101 3.77 -4.22 12.60
N TYR A 102 4.11 -4.83 11.46
CA TYR A 102 3.76 -6.22 11.19
C TYR A 102 4.99 -6.93 10.65
N GLY A 103 5.21 -8.16 11.09
CA GLY A 103 6.39 -8.93 10.68
C GLY A 103 6.03 -10.21 9.95
N MET A 104 6.90 -10.59 9.00
CA MET A 104 6.75 -11.86 8.29
C MET A 104 8.12 -12.42 7.97
N MET A 105 8.32 -13.73 8.16
CA MET A 105 9.62 -14.34 7.93
C MET A 105 9.46 -15.74 7.35
N LYS A 106 10.32 -16.10 6.40
CA LYS A 106 10.44 -17.45 5.86
C LYS A 106 11.61 -18.14 6.56
N TYR A 107 11.35 -19.21 7.30
CA TYR A 107 12.43 -19.84 8.05
C TYR A 107 12.08 -21.28 8.37
N ARG A 108 13.03 -22.19 8.14
CA ARG A 108 12.94 -23.58 8.62
C ARG A 108 11.59 -24.23 8.29
N LYS A 109 11.27 -24.24 7.00
CA LYS A 109 10.08 -24.90 6.43
C LYS A 109 8.78 -24.29 6.94
N ARG A 110 8.82 -23.03 7.39
CA ARG A 110 7.67 -22.37 7.99
C ARG A 110 7.58 -20.94 7.52
N LEU A 111 6.38 -20.39 7.63
CA LEU A 111 6.14 -18.96 7.52
C LEU A 111 5.79 -18.43 8.91
N PHE A 112 6.52 -17.42 9.36
CA PHE A 112 6.37 -16.87 10.70
C PHE A 112 5.74 -15.48 10.63
N ILE A 113 4.84 -15.20 11.58
CA ILE A 113 4.27 -13.87 11.79
C ILE A 113 4.15 -13.66 13.29
N TYR A 114 3.73 -12.45 13.69
CA TYR A 114 3.40 -12.17 15.08
C TYR A 114 1.90 -12.13 15.28
N GLU A 115 1.46 -12.57 16.46
CA GLU A 115 0.05 -12.59 16.83
C GLU A 115 -0.08 -12.08 18.26
N GLY A 116 -1.32 -11.75 18.63
CA GLY A 116 -1.61 -11.43 20.02
C GLY A 116 -1.92 -9.96 20.23
N GLU A 117 -1.24 -9.34 21.18
CA GLU A 117 -1.57 -7.98 21.58
C GLU A 117 -0.32 -7.30 22.10
N THR A 118 0.05 -6.17 21.49
CA THR A 118 1.20 -5.45 21.99
C THR A 118 0.90 -4.96 23.41
N PRO A 119 1.92 -4.86 24.28
CA PRO A 119 3.34 -5.07 24.02
C PRO A 119 3.84 -6.50 24.26
N ASN A 120 2.94 -7.49 24.16
CA ASN A 120 3.28 -8.88 24.44
C ASN A 120 3.04 -9.78 23.23
N ALA A 121 3.13 -9.22 22.03
CA ALA A 121 2.95 -10.02 20.82
C ALA A 121 4.01 -11.10 20.71
N THR A 122 3.62 -12.25 20.16
CA THR A 122 4.50 -13.41 20.10
C THR A 122 4.37 -14.05 18.73
N THR A 123 5.33 -14.89 18.37
CA THR A 123 5.34 -15.40 17.01
C THR A 123 4.45 -16.63 16.86
N LYS A 124 4.01 -16.83 15.62
CA LYS A 124 3.19 -17.94 15.18
C LYS A 124 3.85 -18.53 13.94
N ARG A 125 3.88 -19.86 13.83
CA ARG A 125 4.49 -20.51 12.68
C ARG A 125 3.45 -21.32 11.91
N TYR A 126 3.54 -21.26 10.58
CA TYR A 126 2.69 -22.05 9.70
C TYR A 126 3.60 -22.95 8.89
N ILE A 127 3.36 -24.26 8.94
CA ILE A 127 4.08 -25.14 8.03
C ILE A 127 3.61 -24.87 6.61
N VAL A 128 4.57 -24.74 5.68
CA VAL A 128 4.30 -24.43 4.28
C VAL A 128 5.17 -25.31 3.40
N THR A 129 4.78 -25.40 2.13
CA THR A 129 5.52 -26.17 1.14
C THR A 129 6.56 -25.28 0.47
N ASN A 130 7.77 -25.81 0.31
CA ASN A 130 8.86 -25.09 -0.37
C ASN A 130 9.02 -23.68 0.22
N TYR A 131 9.24 -23.64 1.53
CA TYR A 131 9.16 -22.38 2.28
C TYR A 131 10.07 -21.30 1.70
N ALA A 132 11.24 -21.69 1.16
CA ALA A 132 12.20 -20.69 0.70
C ALA A 132 11.71 -19.93 -0.54
N SER A 133 10.75 -20.48 -1.26
CA SER A 133 10.20 -19.80 -2.42
C SER A 133 8.80 -19.23 -2.18
N VAL A 134 8.36 -19.18 -0.91
CA VAL A 134 7.11 -18.50 -0.59
C VAL A 134 7.13 -17.09 -1.14
N GLU A 135 6.06 -16.70 -1.83
CA GLU A 135 5.94 -15.38 -2.43
C GLU A 135 5.41 -14.41 -1.37
N VAL A 136 6.06 -13.25 -1.24
CA VAL A 136 5.73 -12.23 -0.26
C VAL A 136 5.47 -10.93 -1.00
N ARG A 137 4.30 -10.33 -0.79
CA ARG A 137 3.91 -9.13 -1.52
C ARG A 137 3.61 -8.00 -0.55
N PRO A 138 4.51 -7.03 -0.39
CA PRO A 138 4.30 -5.94 0.57
C PRO A 138 3.46 -4.81 -0.02
N TYR A 139 2.59 -4.25 0.81
CA TYR A 139 1.78 -3.10 0.41
C TYR A 139 2.25 -1.79 1.05
N SER A 140 3.41 -1.80 1.68
CA SER A 140 4.00 -0.58 2.23
C SER A 140 5.51 -0.77 2.26
N ASP A 141 6.21 0.29 2.63
CA ASP A 141 7.63 0.15 2.89
C ASP A 141 7.86 -0.71 4.13
N PHE A 142 9.09 -1.21 4.27
CA PHE A 142 9.36 -2.20 5.31
C PHE A 142 10.85 -2.21 5.62
N TYR A 143 11.17 -2.67 6.83
CA TYR A 143 12.54 -2.92 7.23
C TYR A 143 12.86 -4.41 7.11
N ILE A 144 14.14 -4.75 7.19
CA ILE A 144 14.59 -6.14 7.13
C ILE A 144 15.52 -6.37 8.30
N ILE A 145 15.17 -7.33 9.16
CA ILE A 145 15.93 -7.62 10.38
C ILE A 145 16.25 -9.11 10.39
N SER A 146 17.54 -9.44 10.48
CA SER A 146 17.92 -10.85 10.45
C SER A 146 17.37 -11.57 11.68
N ARG A 147 17.13 -12.88 11.52
CA ARG A 147 16.62 -13.68 12.63
C ARG A 147 17.57 -13.65 13.82
N SER A 148 18.88 -13.49 13.58
CA SER A 148 19.81 -13.39 14.70
C SER A 148 19.53 -12.17 15.57
N GLN A 149 18.84 -11.17 15.02
CA GLN A 149 18.42 -9.99 15.77
C GLN A 149 16.92 -9.96 16.00
N GLU A 150 16.31 -11.15 16.15
CA GLU A 150 14.87 -11.21 16.40
C GLU A 150 14.46 -10.50 17.68
N SER A 151 15.35 -10.45 18.69
CA SER A 151 15.02 -9.71 19.91
CA SER A 151 15.02 -9.71 19.91
C SER A 151 14.74 -8.25 19.59
N ALA A 152 15.47 -7.67 18.63
CA ALA A 152 15.19 -6.30 18.25
C ALA A 152 13.86 -6.18 17.52
N CYS A 153 13.56 -7.13 16.63
CA CYS A 153 12.27 -7.15 15.95
C CYS A 153 11.13 -7.26 16.94
N THR A 154 11.27 -8.15 17.93
CA THR A 154 10.26 -8.28 18.98
C THR A 154 10.04 -6.94 19.68
N GLU A 155 11.12 -6.22 19.96
CA GLU A 155 11.00 -4.91 20.61
C GLU A 155 10.26 -3.91 19.72
N TYR A 156 10.58 -3.86 18.42
CA TYR A 156 9.90 -2.92 17.54
C TYR A 156 8.42 -3.26 17.39
N ILE A 157 8.13 -4.54 17.12
CA ILE A 157 6.74 -4.99 16.99
C ILE A 157 5.93 -4.49 18.17
N ASN A 158 6.49 -4.59 19.37
CA ASN A 158 5.71 -4.37 20.58
C ASN A 158 5.79 -2.96 21.10
N ASN A 159 6.86 -2.22 20.78
CA ASN A 159 7.04 -0.90 21.38
C ASN A 159 7.30 0.22 20.37
N GLY A 160 7.49 -0.10 19.10
CA GLY A 160 7.63 0.93 18.07
C GLY A 160 9.08 1.21 17.74
N LEU A 161 9.26 2.11 16.77
CA LEU A 161 10.58 2.42 16.25
C LEU A 161 11.28 3.49 17.08
N VAL B 1 20.89 -0.22 14.36
CA VAL B 1 20.49 0.71 13.32
C VAL B 1 19.56 0.03 12.33
N LEU B 2 18.44 0.71 11.99
CA LEU B 2 17.46 0.19 11.05
C LEU B 2 17.78 0.76 9.66
N ASP B 3 18.29 -0.10 8.78
CA ASP B 3 18.59 0.31 7.41
C ASP B 3 17.30 0.61 6.65
N GLY B 4 17.38 1.54 5.70
CA GLY B 4 16.25 1.79 4.83
C GLY B 4 15.26 2.80 5.39
N PRO B 5 13.96 2.49 5.30
CA PRO B 5 13.34 1.23 4.88
C PRO B 5 13.44 0.93 3.38
N TYR B 6 13.07 -0.29 3.03
CA TYR B 6 13.02 -0.74 1.65
C TYR B 6 11.62 -0.50 1.10
N GLN B 7 11.51 -0.52 -0.23
CA GLN B 7 10.26 -0.20 -0.89
C GLN B 7 9.85 -1.31 -1.85
N PRO B 8 8.55 -1.51 -2.04
CA PRO B 8 8.10 -2.36 -3.16
C PRO B 8 8.65 -1.80 -4.46
N ALA B 9 8.86 -2.70 -5.42
CA ALA B 9 9.48 -2.30 -6.68
C ALA B 9 8.57 -1.38 -7.51
N SER B 10 9.20 -0.54 -8.32
CA SER B 10 8.47 0.26 -9.30
C SER B 10 8.27 -0.54 -10.59
N PHE B 11 7.41 0.01 -11.45
CA PHE B 11 6.88 -0.62 -12.66
C PHE B 11 7.17 0.32 -13.82
N ASP B 12 7.85 -0.17 -14.86
CA ASP B 12 8.14 0.62 -16.06
C ASP B 12 6.88 0.62 -16.95
N LEU B 13 5.88 1.35 -16.47
CA LEU B 13 4.54 1.34 -17.06
C LEU B 13 4.58 1.68 -18.55
N PRO B 14 4.02 0.85 -19.44
CA PRO B 14 4.09 1.16 -20.87
C PRO B 14 3.36 2.46 -21.20
N VAL B 15 3.92 3.22 -22.14
CA VAL B 15 3.36 4.54 -22.46
C VAL B 15 1.96 4.39 -23.04
N GLY B 16 1.16 5.43 -22.87
CA GLY B 16 -0.19 5.42 -23.43
C GLY B 16 -1.16 4.56 -22.67
N ASN B 17 -0.90 4.32 -21.38
CA ASN B 17 -1.77 3.47 -20.57
C ASN B 17 -1.99 4.10 -19.22
N TRP B 18 -3.25 4.25 -18.84
CA TRP B 18 -3.60 4.74 -17.52
C TRP B 18 -3.46 3.63 -16.48
N MET B 19 -2.70 3.89 -15.44
CA MET B 19 -2.76 3.09 -14.23
C MET B 19 -3.88 3.68 -13.37
N LEU B 20 -4.91 2.88 -13.08
CA LEU B 20 -6.04 3.31 -12.27
C LEU B 20 -5.93 2.61 -10.92
N LEU B 21 -5.46 3.34 -9.92
CA LEU B 21 -5.18 2.77 -8.60
C LEU B 21 -6.43 2.84 -7.73
N ALA B 22 -6.62 1.82 -6.90
CA ALA B 22 -7.77 1.70 -6.02
C ALA B 22 -7.32 1.52 -4.57
N PRO B 23 -6.75 2.56 -3.96
CA PRO B 23 -6.38 2.46 -2.54
C PRO B 23 -7.62 2.35 -1.67
N THR B 24 -7.46 1.69 -0.53
CA THR B 24 -8.56 1.58 0.43
C THR B 24 -8.38 2.45 1.67
N GLY B 25 -7.16 2.88 1.98
CA GLY B 25 -6.91 3.67 3.16
C GLY B 25 -5.89 4.76 2.98
N PRO B 26 -5.79 5.66 3.96
CA PRO B 26 -4.84 6.76 3.86
C PRO B 26 -3.40 6.27 3.86
N GLY B 27 -2.52 7.07 3.23
CA GLY B 27 -1.11 6.78 3.10
C GLY B 27 -0.64 7.02 1.68
N VAL B 28 0.58 6.60 1.40
CA VAL B 28 1.15 6.77 0.06
C VAL B 28 0.44 5.83 -0.91
N VAL B 29 -0.02 6.38 -2.04
CA VAL B 29 -0.80 5.64 -3.04
C VAL B 29 0.08 5.15 -4.16
N VAL B 30 0.91 6.03 -4.69
CA VAL B 30 1.72 5.76 -5.87
C VAL B 30 2.83 6.79 -5.90
N GLU B 31 3.98 6.39 -6.45
CA GLU B 31 5.10 7.30 -6.62
C GLU B 31 5.56 7.22 -8.07
N GLY B 32 5.94 8.35 -8.63
CA GLY B 32 6.41 8.36 -10.01
C GLY B 32 7.63 9.24 -10.15
N THR B 33 8.61 8.84 -10.97
CA THR B 33 9.76 9.70 -11.16
C THR B 33 10.34 9.51 -12.56
N ASP B 34 10.91 10.60 -13.10
CA ASP B 34 11.70 10.52 -14.32
C ASP B 34 13.18 10.38 -14.03
N ASN B 35 13.55 10.25 -12.76
CA ASN B 35 14.92 10.04 -12.30
C ASN B 35 15.86 11.18 -12.67
N SER B 36 15.31 12.33 -13.05
CA SER B 36 16.13 13.45 -13.51
CA SER B 36 16.12 13.46 -13.51
C SER B 36 15.75 14.74 -12.79
N GLY B 37 14.46 15.06 -12.74
CA GLY B 37 14.03 16.31 -12.15
C GLY B 37 12.67 16.30 -11.46
N ARG B 38 11.94 15.18 -11.50
CA ARG B 38 10.61 15.12 -10.90
C ARG B 38 10.47 13.82 -10.12
N TRP B 39 10.18 13.92 -8.82
CA TRP B 39 9.87 12.78 -7.98
C TRP B 39 8.56 13.08 -7.27
N LEU B 40 7.50 12.37 -7.64
CA LEU B 40 6.14 12.62 -7.18
C LEU B 40 5.71 11.49 -6.27
N SER B 41 5.32 11.83 -5.03
CA SER B 41 4.74 10.87 -4.10
C SER B 41 3.32 11.36 -3.79
N VAL B 42 2.33 10.54 -4.12
CA VAL B 42 0.92 10.90 -3.94
C VAL B 42 0.43 10.31 -2.64
N ILE B 43 -0.05 11.16 -1.72
CA ILE B 43 -0.58 10.69 -0.45
C ILE B 43 -2.11 10.82 -0.46
N LEU B 44 -2.76 10.01 0.36
CA LEU B 44 -4.23 10.00 0.46
C LEU B 44 -4.63 10.29 1.90
N ILE B 45 -5.58 11.22 2.06
CA ILE B 45 -6.07 11.64 3.37
C ILE B 45 -7.57 11.37 3.44
N GLU B 46 -8.00 10.71 4.50
CA GLU B 46 -9.40 10.38 4.68
C GLU B 46 -10.21 11.62 5.04
N PRO B 47 -11.55 11.55 4.93
CA PRO B 47 -12.37 12.72 5.26
C PRO B 47 -12.27 13.10 6.74
N GLY B 48 -12.52 14.37 7.01
CA GLY B 48 -12.69 14.82 8.38
C GLY B 48 -11.42 14.94 9.18
N VAL B 49 -10.31 15.28 8.53
CA VAL B 49 -9.03 15.45 9.20
C VAL B 49 -8.78 16.95 9.32
N THR B 50 -8.87 17.49 10.52
CA THR B 50 -8.40 18.85 10.70
C THR B 50 -6.92 18.81 11.06
N SER B 51 -6.22 19.84 10.61
CA SER B 51 -4.77 20.00 10.61
C SER B 51 -4.02 19.09 11.59
N GLU B 52 -3.17 18.22 11.06
CA GLU B 52 -2.27 17.45 11.90
C GLU B 52 -1.04 17.07 11.09
N THR B 53 0.03 16.77 11.79
CA THR B 53 1.27 16.37 11.13
C THR B 53 1.31 14.84 11.05
N ARG B 54 1.55 14.32 9.85
CA ARG B 54 1.68 12.89 9.64
C ARG B 54 3.04 12.59 9.04
N THR B 55 3.52 11.39 9.29
CA THR B 55 4.79 10.93 8.74
C THR B 55 4.55 9.95 7.60
N TYR B 56 5.24 10.17 6.50
CA TYR B 56 5.20 9.27 5.34
C TYR B 56 6.64 8.98 4.93
N THR B 57 6.88 7.80 4.38
CA THR B 57 8.15 7.58 3.70
C THR B 57 7.91 7.78 2.21
N MET B 58 8.56 8.79 1.65
CA MET B 58 8.43 9.15 0.25
C MET B 58 9.74 8.84 -0.45
N PHE B 59 9.68 7.99 -1.47
CA PHE B 59 10.90 7.44 -2.07
C PHE B 59 11.87 6.95 -0.99
N GLY B 60 11.32 6.32 0.05
CA GLY B 60 12.09 5.72 1.13
C GLY B 60 12.55 6.69 2.20
N SER B 61 12.27 7.99 2.04
CA SER B 61 12.71 9.00 2.99
C SER B 61 11.56 9.38 3.90
N SER B 62 11.78 9.31 5.22
CA SER B 62 10.75 9.64 6.18
C SER B 62 10.59 11.16 6.27
N LYS B 63 9.37 11.65 6.04
CA LYS B 63 9.09 13.08 6.04
C LYS B 63 7.82 13.38 6.82
N GLN B 64 7.80 14.50 7.52
CA GLN B 64 6.60 14.99 8.18
C GLN B 64 5.89 15.99 7.29
N VAL B 65 4.57 15.80 7.12
CA VAL B 65 3.75 16.66 6.29
C VAL B 65 2.54 17.12 7.10
N LEU B 66 2.28 18.42 7.09
CA LEU B 66 1.07 18.97 7.72
C LEU B 66 -0.10 18.80 6.77
N VAL B 67 -1.07 17.96 7.14
CA VAL B 67 -2.14 17.59 6.23
C VAL B 67 -3.48 18.07 6.78
N SER B 68 -4.43 18.24 5.87
CA SER B 68 -5.77 18.72 6.18
C SER B 68 -6.74 18.20 5.13
N ASN B 69 -7.91 17.73 5.57
CA ASN B 69 -9.02 17.42 4.66
C ASN B 69 -10.30 17.77 5.41
N ALA B 70 -10.78 19.00 5.23
CA ALA B 70 -11.95 19.46 5.94
C ALA B 70 -13.23 18.79 5.45
N SER B 71 -13.23 18.20 4.26
CA SER B 71 -14.46 17.63 3.73
C SER B 71 -14.89 16.44 4.59
N ASP B 72 -16.19 16.33 4.81
CA ASP B 72 -16.72 15.20 5.56
C ASP B 72 -16.99 13.99 4.70
N THR B 73 -16.93 14.12 3.38
CA THR B 73 -17.33 13.04 2.50
C THR B 73 -16.25 12.66 1.48
N LYS B 74 -15.49 13.64 1.00
CA LYS B 74 -14.50 13.39 -0.04
C LYS B 74 -13.16 13.02 0.55
N TRP B 75 -12.51 12.01 -0.04
CA TRP B 75 -11.12 11.73 0.25
C TRP B 75 -10.23 12.70 -0.54
N LYS B 76 -9.01 12.91 -0.06
CA LYS B 76 -8.13 13.91 -0.63
C LYS B 76 -6.78 13.31 -1.00
N PHE B 77 -6.48 13.28 -2.30
CA PHE B 77 -5.13 12.97 -2.77
C PHE B 77 -4.30 14.24 -2.83
N VAL B 78 -3.05 14.15 -2.38
CA VAL B 78 -2.12 15.29 -2.39
C VAL B 78 -0.86 14.88 -3.14
N GLU B 79 -0.47 15.68 -4.12
CA GLU B 79 0.78 15.46 -4.86
C GLU B 79 1.93 16.11 -4.11
N MET B 80 2.83 15.29 -3.56
CA MET B 80 4.06 15.81 -2.96
C MET B 80 5.20 15.65 -3.96
N MET B 81 5.80 16.77 -4.38
CA MET B 81 6.80 16.75 -5.44
C MET B 81 8.12 17.31 -4.94
N LYS B 82 9.21 16.61 -5.21
CA LYS B 82 10.55 17.17 -5.11
C LYS B 82 11.17 17.24 -6.49
N THR B 83 12.11 18.17 -6.66
CA THR B 83 12.71 18.42 -7.97
C THR B 83 14.22 18.19 -7.98
N ALA B 84 14.76 17.63 -6.90
CA ALA B 84 16.13 17.16 -6.84
C ALA B 84 16.15 15.88 -6.02
N ILE B 85 17.13 15.01 -6.31
CA ILE B 85 17.17 13.70 -5.64
C ILE B 85 17.20 13.85 -4.12
N ASP B 86 17.85 14.90 -3.63
CA ASP B 86 17.97 15.17 -2.21
C ASP B 86 17.06 16.31 -1.75
N GLY B 87 16.10 16.74 -2.57
CA GLY B 87 15.35 17.94 -2.29
C GLY B 87 14.18 17.72 -1.35
N ASP B 88 13.61 18.84 -0.90
CA ASP B 88 12.40 18.81 -0.08
C ASP B 88 11.16 18.65 -0.96
N TYR B 89 10.12 18.08 -0.39
CA TYR B 89 8.84 17.94 -1.07
C TYR B 89 7.93 19.12 -0.76
N ALA B 90 7.09 19.46 -1.73
CA ALA B 90 6.04 20.45 -1.53
C ALA B 90 4.78 19.97 -2.23
N GLU B 91 3.64 20.48 -1.76
CA GLU B 91 2.37 20.13 -2.37
C GLU B 91 2.20 20.86 -3.71
N TRP B 92 2.00 20.10 -4.80
CA TRP B 92 1.84 20.68 -6.12
C TRP B 92 0.41 20.61 -6.67
N GLY B 93 -0.45 19.81 -6.08
CA GLY B 93 -1.82 19.67 -6.60
C GLY B 93 -2.57 18.67 -5.75
N THR B 94 -3.88 18.61 -5.99
CA THR B 94 -4.76 17.75 -5.18
C THR B 94 -5.87 17.18 -6.04
N LEU B 95 -6.47 16.09 -5.56
CA LEU B 95 -7.70 15.54 -6.12
C LEU B 95 -8.64 15.20 -4.98
N LEU B 96 -9.80 15.85 -4.94
CA LEU B 96 -10.84 15.54 -3.97
C LEU B 96 -11.80 14.54 -4.61
N SER B 97 -12.06 13.43 -3.93
CA SER B 97 -12.64 12.28 -4.61
C SER B 97 -13.63 11.52 -3.73
N ASP B 98 -14.81 11.24 -4.29
CA ASP B 98 -15.76 10.33 -3.68
C ASP B 98 -15.52 8.89 -4.06
N THR B 99 -14.64 8.64 -5.03
CA THR B 99 -14.44 7.31 -5.58
C THR B 99 -13.18 6.64 -5.08
N LYS B 100 -12.24 7.41 -4.51
CA LYS B 100 -10.94 6.92 -4.05
C LYS B 100 -10.13 6.26 -5.18
N LEU B 101 -10.35 6.69 -6.43
CA LEU B 101 -9.56 6.20 -7.55
C LEU B 101 -8.57 7.27 -8.01
N TYR B 102 -7.36 6.83 -8.39
CA TYR B 102 -6.31 7.73 -8.83
C TYR B 102 -5.70 7.20 -10.14
N GLY B 103 -5.37 8.12 -11.06
CA GLY B 103 -4.82 7.74 -12.35
C GLY B 103 -3.44 8.31 -12.58
N MET B 104 -2.61 7.56 -13.30
CA MET B 104 -1.30 8.03 -13.73
C MET B 104 -0.97 7.44 -15.10
N MET B 105 -0.40 8.26 -15.99
CA MET B 105 -0.09 7.81 -17.35
C MET B 105 1.16 8.53 -17.86
N LYS B 106 1.99 7.78 -18.60
CA LYS B 106 3.12 8.34 -19.35
C LYS B 106 2.70 8.52 -20.81
N TYR B 107 2.78 9.76 -21.33
CA TYR B 107 2.33 10.01 -22.70
C TYR B 107 2.94 11.29 -23.24
N ARG B 108 3.50 11.22 -24.45
CA ARG B 108 3.99 12.38 -25.20
C ARG B 108 4.86 13.30 -24.35
N LYS B 109 5.92 12.73 -23.79
CA LYS B 109 6.95 13.45 -23.03
C LYS B 109 6.40 14.05 -21.73
N ARG B 110 5.30 13.51 -21.21
CA ARG B 110 4.65 14.06 -20.04
C ARG B 110 4.19 12.95 -19.12
N LEU B 111 4.04 13.29 -17.84
CA LEU B 111 3.35 12.47 -16.87
C LEU B 111 1.98 13.09 -16.62
N PHE B 112 0.92 12.30 -16.77
CA PHE B 112 -0.45 12.76 -16.62
C PHE B 112 -1.05 12.19 -15.33
N ILE B 113 -1.82 13.01 -14.63
CA ILE B 113 -2.63 12.60 -13.48
C ILE B 113 -3.95 13.36 -13.57
N TYR B 114 -4.86 13.05 -12.65
CA TYR B 114 -6.10 13.80 -12.50
C TYR B 114 -6.02 14.72 -11.29
N GLU B 115 -6.65 15.89 -11.39
CA GLU B 115 -6.70 16.85 -10.31
C GLU B 115 -8.11 17.41 -10.21
N GLY B 116 -8.37 18.09 -9.09
CA GLY B 116 -9.62 18.82 -8.94
C GLY B 116 -10.58 18.15 -7.98
N GLU B 117 -11.82 17.91 -8.44
CA GLU B 117 -12.88 17.45 -7.56
C GLU B 117 -13.87 16.61 -8.35
N THR B 118 -14.07 15.36 -7.95
CA THR B 118 -15.08 14.54 -8.61
C THR B 118 -16.45 15.19 -8.40
N PRO B 119 -17.37 15.03 -9.36
CA PRO B 119 -17.28 14.24 -10.58
C PRO B 119 -16.75 15.03 -11.77
N ASN B 120 -15.96 16.08 -11.51
CA ASN B 120 -15.48 16.94 -12.59
C ASN B 120 -13.96 16.95 -12.67
N ALA B 121 -13.31 15.87 -12.22
CA ALA B 121 -11.85 15.85 -12.21
C ALA B 121 -11.31 15.92 -13.64
N THR B 122 -10.17 16.60 -13.78
CA THR B 122 -9.60 16.87 -15.09
C THR B 122 -8.10 16.57 -15.04
N THR B 123 -7.51 16.36 -16.20
CA THR B 123 -6.12 15.91 -16.19
C THR B 123 -5.16 17.09 -16.07
N LYS B 124 -3.97 16.76 -15.59
CA LYS B 124 -2.86 17.67 -15.39
C LYS B 124 -1.64 16.99 -16.01
N ARG B 125 -0.81 17.75 -16.73
CA ARG B 125 0.38 17.20 -17.37
C ARG B 125 1.63 17.84 -16.78
N TYR B 126 2.65 17.03 -16.52
CA TYR B 126 3.97 17.50 -16.13
C TYR B 126 4.99 17.11 -17.19
N ILE B 127 5.72 18.09 -17.70
CA ILE B 127 6.82 17.76 -18.61
C ILE B 127 7.89 17.00 -17.83
N VAL B 128 8.37 15.90 -18.39
CA VAL B 128 9.39 15.09 -17.76
C VAL B 128 10.44 14.73 -18.80
N THR B 129 11.58 14.24 -18.30
CA THR B 129 12.70 13.83 -19.14
C THR B 129 12.64 12.34 -19.40
N ASN B 130 12.90 11.94 -20.65
CA ASN B 130 12.94 10.53 -21.02
C ASN B 130 11.68 9.81 -20.52
N TYR B 131 10.52 10.32 -20.96
CA TYR B 131 9.25 9.98 -20.31
C TYR B 131 8.92 8.49 -20.40
N ALA B 132 9.38 7.80 -21.45
CA ALA B 132 9.02 6.39 -21.59
C ALA B 132 9.66 5.53 -20.51
N SER B 133 10.70 6.01 -19.84
CA SER B 133 11.36 5.29 -18.76
C SER B 133 10.91 5.73 -17.38
N VAL B 134 9.88 6.56 -17.28
CA VAL B 134 9.36 6.96 -15.97
C VAL B 134 8.98 5.72 -15.18
N GLU B 135 9.42 5.67 -13.93
CA GLU B 135 9.15 4.53 -13.06
C GLU B 135 7.98 4.86 -12.14
N VAL B 136 7.01 3.95 -12.06
CA VAL B 136 5.78 4.16 -11.33
C VAL B 136 5.67 3.07 -10.28
N ARG B 137 5.63 3.47 -9.00
CA ARG B 137 5.64 2.51 -7.89
C ARG B 137 4.26 2.46 -7.25
N PRO B 138 3.45 1.45 -7.52
CA PRO B 138 2.12 1.37 -6.91
C PRO B 138 2.21 0.80 -5.51
N TYR B 139 1.51 1.44 -4.56
CA TYR B 139 1.30 0.90 -3.23
C TYR B 139 -0.12 0.38 -3.06
N SER B 140 -0.88 0.36 -4.14
CA SER B 140 -2.28 -0.02 -4.17
C SER B 140 -2.45 -1.00 -5.33
N ASP B 141 -3.50 -1.81 -5.27
CA ASP B 141 -3.89 -2.56 -6.45
C ASP B 141 -4.37 -1.58 -7.53
N PHE B 142 -4.30 -2.02 -8.79
CA PHE B 142 -4.63 -1.09 -9.87
C PHE B 142 -5.11 -1.82 -11.11
N TYR B 143 -5.77 -1.07 -12.00
CA TYR B 143 -6.17 -1.55 -13.32
C TYR B 143 -5.38 -0.78 -14.38
N ILE B 144 -5.36 -1.33 -15.59
CA ILE B 144 -4.69 -0.67 -16.70
C ILE B 144 -5.72 -0.42 -17.79
N ILE B 145 -5.82 0.85 -18.20
CA ILE B 145 -6.78 1.29 -19.21
C ILE B 145 -6.00 1.99 -20.32
N SER B 146 -6.15 1.52 -21.55
CA SER B 146 -5.48 2.16 -22.67
CA SER B 146 -5.48 2.16 -22.67
C SER B 146 -5.95 3.61 -22.82
N ARG B 147 -5.03 4.46 -23.28
CA ARG B 147 -5.41 5.84 -23.57
C ARG B 147 -6.55 5.92 -24.58
N SER B 148 -6.66 4.93 -25.47
CA SER B 148 -7.78 4.92 -26.41
C SER B 148 -9.12 4.84 -25.69
N GLN B 149 -9.12 4.33 -24.46
CA GLN B 149 -10.32 4.26 -23.61
C GLN B 149 -10.27 5.28 -22.47
N GLU B 150 -9.63 6.42 -22.70
CA GLU B 150 -9.52 7.43 -21.64
C GLU B 150 -10.88 7.93 -21.20
N SER B 151 -11.87 7.98 -22.10
CA SER B 151 -13.21 8.39 -21.68
C SER B 151 -13.75 7.45 -20.59
N ALA B 152 -13.45 6.15 -20.70
CA ALA B 152 -13.83 5.24 -19.63
C ALA B 152 -13.07 5.53 -18.34
N CYS B 153 -11.77 5.81 -18.46
CA CYS B 153 -11.00 6.14 -17.27
C CYS B 153 -11.55 7.39 -16.59
N THR B 154 -11.89 8.42 -17.36
CA THR B 154 -12.48 9.61 -16.76
C THR B 154 -13.76 9.28 -16.00
N GLU B 155 -14.57 8.38 -16.57
CA GLU B 155 -15.82 8.00 -15.91
C GLU B 155 -15.57 7.27 -14.59
N TYR B 156 -14.58 6.36 -14.56
CA TYR B 156 -14.28 5.67 -13.31
C TYR B 156 -13.72 6.63 -12.25
N ILE B 157 -12.75 7.46 -12.66
CA ILE B 157 -12.18 8.46 -11.75
C ILE B 157 -13.28 9.27 -11.09
N ASN B 158 -14.28 9.67 -11.86
CA ASN B 158 -15.27 10.62 -11.40
C ASN B 158 -16.50 9.96 -10.78
N ASN B 159 -16.84 8.74 -11.19
CA ASN B 159 -18.08 8.11 -10.72
C ASN B 159 -17.89 6.71 -10.13
N GLY B 160 -16.69 6.13 -10.21
CA GLY B 160 -16.40 4.89 -9.53
C GLY B 160 -16.52 3.67 -10.43
N LEU B 161 -16.13 2.53 -9.86
CA LEU B 161 -16.17 1.25 -10.56
C LEU B 161 -17.58 0.69 -10.63
#